data_9GIC
#
_entry.id   9GIC
#
_cell.length_a   41.96
_cell.length_b   70.745
_cell.length_c   96
_cell.angle_alpha   90
_cell.angle_beta   90
_cell.angle_gamma   90
#
_symmetry.space_group_name_H-M   'P 21 21 21'
#
loop_
_entity.id
_entity.type
_entity.pdbx_description
1 polymer 'Glutamate receptor ionotropic, NMDA 1'
2 non-polymer '(2~{R})-2-azanyl-3-[[3-(phenylmethyl)-2~{H}-thiophen-5-yl]carbonylamino]propanoic acid'
3 non-polymer 'SULFATE ION'
4 water water
#
_entity_poly.entity_id   1
_entity_poly.type   'polypeptide(L)'
_entity_poly.pdbx_seq_one_letter_code
;MSTRLKIVTIHQEPFVYVKPTLSDGTCKEEFTVNGDPVKKVICTGPNDTSPGSPRHTVPQCCYGFCIDLLIKLARTMNFT
YEVHLVADGKFGTQERVNNSNKKEWNGMMGELLSGQADMIVAPLTINNERAQYIEFSKPFKYQGLTILVKKGTRITGIND
PRLRNPSDKFIYATVKQSSVDIYFRRQVELSTMYRHMEKHNYESAAEAIQAVRDNKLHAFIWDSAVLEFEASQKCDLVTT
GELFFRSGFGIGMRKDSPWKQNVSLSILKSHENGFMEDLDKTWVRYQECDSR
;
_entity_poly.pdbx_strand_id   A
#
loop_
_chem_comp.id
_chem_comp.type
_chem_comp.name
_chem_comp.formula
A1ILQ non-polymer '(2~{R})-2-azanyl-3-[[3-(phenylmethyl)-2~{H}-thiophen-5-yl]carbonylamino]propanoic acid' 'C15 H18 N2 O3 S'
SO4 non-polymer 'SULFATE ION' 'O4 S -2'
#
# COMPACT_ATOMS: atom_id res chain seq x y z
N ARG A 4 -12.24 -20.97 6.54
CA ARG A 4 -11.59 -20.17 5.47
C ARG A 4 -11.25 -18.78 6.01
N LEU A 5 -9.98 -18.36 5.87
CA LEU A 5 -9.58 -17.03 6.31
C LEU A 5 -10.10 -15.97 5.36
N LYS A 6 -10.62 -14.88 5.93
CA LYS A 6 -10.95 -13.70 5.20
C LYS A 6 -9.71 -12.80 5.12
N ILE A 7 -9.14 -12.72 3.93
CA ILE A 7 -8.00 -11.86 3.66
C ILE A 7 -8.50 -10.53 3.11
N VAL A 8 -8.04 -9.44 3.70
CA VAL A 8 -8.31 -8.14 3.13
C VAL A 8 -7.02 -7.59 2.52
N THR A 9 -7.19 -6.92 1.38
CA THR A 9 -6.07 -6.26 0.71
C THR A 9 -6.56 -4.96 0.08
N ILE A 10 -5.67 -4.33 -0.69
CA ILE A 10 -5.90 -3.02 -1.25
C ILE A 10 -5.18 -2.95 -2.59
N HIS A 11 -5.73 -2.18 -3.54
CA HIS A 11 -5.05 -1.97 -4.81
C HIS A 11 -3.78 -1.17 -4.53
N GLN A 12 -2.62 -1.70 -4.92
CA GLN A 12 -1.37 -0.98 -4.73
C GLN A 12 -0.26 -1.65 -5.56
N GLU A 13 -0.12 -1.19 -6.81
CA GLU A 13 0.88 -1.78 -7.69
C GLU A 13 2.26 -1.44 -7.16
N PRO A 14 3.30 -2.32 -7.21
CA PRO A 14 3.26 -3.65 -7.79
C PRO A 14 2.89 -4.80 -6.84
N PHE A 15 2.40 -4.47 -5.65
CA PHE A 15 2.12 -5.47 -4.63
C PHE A 15 0.78 -6.17 -4.92
N VAL A 16 -0.21 -5.37 -5.28
CA VAL A 16 -1.54 -5.85 -5.59
C VAL A 16 -2.07 -5.11 -6.80
N TYR A 17 -2.20 -5.85 -7.90
CA TYR A 17 -2.87 -5.38 -9.10
C TYR A 17 -4.31 -5.81 -8.99
N VAL A 18 -5.23 -4.98 -9.49
CA VAL A 18 -6.64 -5.27 -9.49
C VAL A 18 -7.18 -4.96 -10.87
N LYS A 19 -7.76 -5.97 -11.51
CA LYS A 19 -8.30 -5.83 -12.84
C LYS A 19 -9.68 -6.48 -12.92
N PRO A 20 -10.54 -6.03 -13.85
CA PRO A 20 -11.81 -6.72 -14.07
C PRO A 20 -11.63 -8.16 -14.54
N THR A 21 -12.63 -9.00 -14.26
CA THR A 21 -12.79 -10.29 -14.91
C THR A 21 -13.11 -10.06 -16.39
N LEU A 22 -12.86 -11.10 -17.17
CA LEU A 22 -13.37 -11.14 -18.52
C LEU A 22 -14.89 -11.28 -18.44
N SER A 23 -15.52 -11.21 -19.60
CA SER A 23 -16.98 -11.35 -19.69
C SER A 23 -17.50 -12.65 -19.11
N ASP A 24 -16.66 -13.69 -19.09
CA ASP A 24 -17.08 -14.99 -18.58
C ASP A 24 -16.76 -15.20 -17.10
N GLY A 25 -16.27 -14.15 -16.43
CA GLY A 25 -15.95 -14.21 -15.03
C GLY A 25 -14.54 -14.74 -14.76
N THR A 26 -13.76 -15.04 -15.81
CA THR A 26 -12.41 -15.60 -15.64
C THR A 26 -11.41 -14.45 -15.61
N CYS A 27 -10.16 -14.79 -15.24
CA CYS A 27 -9.07 -13.83 -15.27
C CYS A 27 -8.19 -14.10 -16.50
N LYS A 28 -7.84 -13.04 -17.20
CA LYS A 28 -7.02 -13.11 -18.41
C LYS A 28 -5.75 -13.88 -18.11
N GLU A 29 -5.42 -14.84 -18.98
CA GLU A 29 -4.14 -15.54 -18.92
C GLU A 29 -3.03 -14.57 -19.27
N GLU A 30 -2.06 -14.48 -18.37
CA GLU A 30 -0.93 -13.58 -18.53
C GLU A 30 0.34 -14.30 -18.05
N PHE A 31 1.48 -13.88 -18.61
CA PHE A 31 2.77 -14.47 -18.31
C PHE A 31 3.77 -13.38 -17.94
N THR A 32 4.73 -13.75 -17.09
CA THR A 32 5.78 -12.83 -16.71
C THR A 32 6.76 -12.72 -17.88
N VAL A 33 7.75 -11.83 -17.81
CA VAL A 33 8.73 -11.71 -18.86
C VAL A 33 9.49 -13.02 -19.00
N ASN A 34 9.62 -13.78 -17.90
CA ASN A 34 10.32 -15.06 -17.91
C ASN A 34 9.46 -16.20 -18.43
N GLY A 35 8.17 -15.95 -18.67
CA GLY A 35 7.34 -16.93 -19.37
C GLY A 35 6.48 -17.72 -18.39
N ASP A 36 6.59 -17.42 -17.10
CA ASP A 36 5.83 -18.16 -16.10
C ASP A 36 4.43 -17.56 -16.00
N PRO A 37 3.40 -18.41 -15.78
CA PRO A 37 2.05 -17.89 -15.61
C PRO A 37 2.00 -16.93 -14.42
N VAL A 38 1.30 -15.80 -14.62
CA VAL A 38 0.96 -14.91 -13.53
C VAL A 38 -0.14 -15.56 -12.70
N LYS A 39 0.14 -15.80 -11.43
CA LYS A 39 -0.83 -16.38 -10.52
C LYS A 39 -1.89 -15.33 -10.20
N LYS A 40 -3.17 -15.68 -10.36
CA LYS A 40 -4.23 -14.72 -10.11
C LYS A 40 -5.29 -15.34 -9.21
N VAL A 41 -5.77 -14.55 -8.26
CA VAL A 41 -6.85 -14.97 -7.39
C VAL A 41 -8.05 -14.06 -7.61
N ILE A 42 -9.24 -14.62 -7.39
CA ILE A 42 -10.41 -13.78 -7.38
C ILE A 42 -10.43 -12.94 -6.10
N CYS A 43 -10.71 -11.65 -6.25
CA CYS A 43 -10.90 -10.78 -5.11
C CYS A 43 -12.18 -9.95 -5.34
N THR A 44 -13.08 -9.95 -4.34
CA THR A 44 -14.29 -9.16 -4.45
C THR A 44 -14.01 -7.77 -3.94
N GLY A 45 -14.67 -6.79 -4.54
CA GLY A 45 -14.40 -5.43 -4.09
C GLY A 45 -15.19 -4.45 -4.94
N PRO A 46 -15.16 -3.15 -4.58
CA PRO A 46 -15.87 -2.15 -5.36
C PRO A 46 -15.19 -1.98 -6.72
N ASN A 47 -15.99 -1.83 -7.79
CA ASN A 47 -15.47 -1.79 -9.14
C ASN A 47 -15.29 -0.34 -9.62
N ASP A 48 -16.06 0.58 -9.04
CA ASP A 48 -15.98 1.98 -9.40
C ASP A 48 -15.85 2.81 -8.12
N THR A 49 -14.91 3.77 -8.14
CA THR A 49 -14.64 4.62 -6.99
C THR A 49 -15.01 6.07 -7.29
N SER A 50 -15.68 6.31 -8.44
CA SER A 50 -15.90 7.67 -8.90
C SER A 50 -17.01 8.33 -8.08
N PRO A 51 -16.79 9.55 -7.52
CA PRO A 51 -17.87 10.30 -6.89
C PRO A 51 -19.10 10.48 -7.78
N GLY A 52 -20.27 10.05 -7.28
CA GLY A 52 -21.51 10.01 -8.06
C GLY A 52 -21.88 8.61 -8.50
N SER A 53 -20.86 7.84 -8.93
CA SER A 53 -21.08 6.50 -9.45
C SER A 53 -21.49 5.58 -8.31
N PRO A 54 -22.41 4.62 -8.53
CA PRO A 54 -22.83 3.71 -7.49
C PRO A 54 -21.75 2.68 -7.19
N ARG A 55 -21.70 2.25 -5.91
CA ARG A 55 -20.81 1.18 -5.50
C ARG A 55 -21.51 -0.15 -5.79
N HIS A 56 -20.76 -1.05 -6.45
CA HIS A 56 -21.16 -2.43 -6.65
C HIS A 56 -19.96 -3.32 -6.31
N THR A 57 -20.13 -4.27 -5.40
CA THR A 57 -19.04 -5.16 -5.02
C THR A 57 -19.07 -6.39 -5.91
N VAL A 58 -18.01 -6.56 -6.71
CA VAL A 58 -18.01 -7.53 -7.80
C VAL A 58 -16.74 -8.36 -7.71
N PRO A 59 -16.75 -9.59 -8.24
CA PRO A 59 -15.52 -10.34 -8.41
C PRO A 59 -14.56 -9.63 -9.35
N GLN A 60 -13.27 -9.55 -8.94
CA GLN A 60 -12.20 -8.96 -9.74
C GLN A 60 -10.99 -9.90 -9.70
N CYS A 61 -9.97 -9.53 -10.44
CA CYS A 61 -8.76 -10.35 -10.52
C CYS A 61 -7.62 -9.65 -9.79
N CYS A 62 -6.97 -10.35 -8.84
CA CYS A 62 -5.88 -9.84 -8.04
C CYS A 62 -4.60 -10.62 -8.34
N TYR A 63 -3.47 -9.91 -8.38
CA TYR A 63 -2.17 -10.53 -8.54
C TYR A 63 -1.09 -9.53 -8.13
N GLY A 64 0.13 -10.02 -8.00
CA GLY A 64 1.24 -9.13 -7.62
C GLY A 64 2.11 -9.75 -6.53
N PHE A 65 3.10 -8.99 -6.05
CA PHE A 65 4.02 -9.44 -5.01
C PHE A 65 3.26 -10.02 -3.81
N CYS A 66 2.26 -9.26 -3.33
CA CYS A 66 1.53 -9.68 -2.13
C CYS A 66 0.67 -10.92 -2.37
N ILE A 67 0.16 -11.10 -3.61
CA ILE A 67 -0.70 -12.24 -3.89
C ILE A 67 0.17 -13.50 -3.99
N ASP A 68 1.35 -13.38 -4.60
CA ASP A 68 2.28 -14.50 -4.62
C ASP A 68 2.65 -14.88 -3.18
N LEU A 69 2.89 -13.87 -2.34
CA LEU A 69 3.22 -14.09 -0.94
C LEU A 69 2.09 -14.84 -0.22
N LEU A 70 0.86 -14.38 -0.42
CA LEU A 70 -0.33 -15.05 0.11
C LEU A 70 -0.41 -16.51 -0.30
N ILE A 71 -0.23 -16.77 -1.59
CA ILE A 71 -0.37 -18.11 -2.13
C ILE A 71 0.61 -19.06 -1.45
N LYS A 72 1.86 -18.58 -1.30
CA LYS A 72 2.91 -19.30 -0.60
C LYS A 72 2.54 -19.58 0.86
N LEU A 73 2.14 -18.51 1.58
CA LEU A 73 1.70 -18.58 2.95
C LEU A 73 0.61 -19.65 3.13
N ALA A 74 -0.42 -19.64 2.27
CA ALA A 74 -1.57 -20.53 2.44
C ALA A 74 -1.14 -21.99 2.23
N ARG A 75 -0.21 -22.24 1.31
CA ARG A 75 0.35 -23.57 1.08
C ARG A 75 1.15 -24.05 2.29
N THR A 76 2.06 -23.18 2.77
CA THR A 76 3.02 -23.45 3.85
C THR A 76 2.31 -23.75 5.18
N MET A 77 1.24 -23.00 5.44
CA MET A 77 0.54 -23.05 6.70
C MET A 77 -0.80 -23.78 6.56
N ASN A 78 -1.06 -24.32 5.38
CA ASN A 78 -2.19 -25.19 5.13
C ASN A 78 -3.53 -24.53 5.49
N PHE A 79 -3.77 -23.32 4.96
CA PHE A 79 -5.08 -22.73 5.16
C PHE A 79 -5.74 -22.43 3.80
N THR A 80 -7.08 -22.43 3.81
CA THR A 80 -7.85 -21.89 2.71
C THR A 80 -8.22 -20.44 3.01
N TYR A 81 -8.52 -19.70 1.95
CA TYR A 81 -8.78 -18.27 2.10
C TYR A 81 -9.71 -17.77 0.99
N GLU A 82 -10.28 -16.59 1.24
CA GLU A 82 -10.96 -15.79 0.23
C GLU A 82 -10.52 -14.33 0.42
N VAL A 83 -10.28 -13.66 -0.71
CA VAL A 83 -9.73 -12.33 -0.70
C VAL A 83 -10.81 -11.30 -1.03
N HIS A 84 -10.82 -10.19 -0.30
CA HIS A 84 -11.57 -9.04 -0.75
C HIS A 84 -10.72 -7.79 -0.59
N LEU A 85 -11.12 -6.75 -1.34
CA LEU A 85 -10.56 -5.41 -1.25
C LEU A 85 -11.30 -4.61 -0.19
N VAL A 86 -10.51 -3.84 0.57
CA VAL A 86 -11.03 -3.03 1.67
C VAL A 86 -12.12 -2.11 1.13
N ALA A 87 -13.28 -2.10 1.81
CA ALA A 87 -14.48 -1.48 1.25
C ALA A 87 -14.30 0.02 1.09
N ASP A 88 -13.56 0.66 2.02
CA ASP A 88 -13.43 2.11 1.99
C ASP A 88 -12.18 2.55 1.25
N GLY A 89 -11.38 1.60 0.74
CA GLY A 89 -10.22 1.92 -0.08
C GLY A 89 -9.00 2.39 0.70
N LYS A 90 -9.00 2.26 2.03
CA LYS A 90 -7.97 2.89 2.85
C LYS A 90 -7.11 1.88 3.60
N PHE A 91 -5.90 2.32 3.96
CA PHE A 91 -4.98 1.51 4.76
C PHE A 91 -5.49 1.44 6.21
N GLY A 92 -5.68 2.61 6.80
CA GLY A 92 -6.30 2.70 8.12
C GLY A 92 -5.61 3.66 9.07
N THR A 93 -6.42 4.60 9.58
CA THR A 93 -6.08 5.48 10.69
C THR A 93 -7.24 5.44 11.68
N GLN A 94 -7.07 6.11 12.81
CA GLN A 94 -8.10 6.27 13.81
C GLN A 94 -8.91 7.54 13.57
N GLU A 95 -10.21 7.43 13.82
CA GLU A 95 -11.16 8.48 13.56
C GLU A 95 -12.18 8.47 14.69
N ARG A 96 -12.88 9.59 14.92
CA ARG A 96 -13.92 9.65 15.93
C ARG A 96 -15.12 8.86 15.43
N VAL A 97 -15.81 8.21 16.34
CA VAL A 97 -17.06 7.56 16.01
C VAL A 97 -18.19 8.56 16.26
N ASN A 98 -18.98 8.88 15.22
CA ASN A 98 -20.12 9.77 15.40
C ASN A 98 -19.71 11.05 16.08
N ASN A 99 -18.54 11.60 15.70
CA ASN A 99 -18.08 12.87 16.25
C ASN A 99 -17.99 12.84 17.77
N SER A 100 -17.76 11.67 18.36
CA SER A 100 -17.71 11.52 19.81
C SER A 100 -16.24 11.50 20.22
N ASN A 101 -15.98 11.28 21.50
CA ASN A 101 -14.60 11.09 21.93
C ASN A 101 -14.12 9.65 21.70
N LYS A 102 -15.01 8.74 21.33
CA LYS A 102 -14.61 7.35 21.11
C LYS A 102 -14.02 7.27 19.71
N LYS A 103 -13.02 6.38 19.56
CA LYS A 103 -12.28 6.24 18.31
C LYS A 103 -12.42 4.84 17.74
N GLU A 104 -12.35 4.77 16.41
CA GLU A 104 -12.33 3.51 15.71
C GLU A 104 -11.31 3.65 14.59
N TRP A 105 -10.87 2.49 14.09
CA TRP A 105 -10.05 2.46 12.89
C TRP A 105 -10.90 2.33 11.65
N ASN A 106 -10.53 3.06 10.59
CA ASN A 106 -11.01 2.84 9.23
C ASN A 106 -10.06 1.91 8.46
N GLY A 107 -10.31 1.76 7.16
CA GLY A 107 -9.43 0.98 6.29
C GLY A 107 -9.31 -0.49 6.71
N MET A 108 -8.18 -1.08 6.29
CA MET A 108 -7.93 -2.49 6.53
C MET A 108 -7.84 -2.74 8.02
N MET A 109 -7.27 -1.78 8.76
CA MET A 109 -7.16 -1.89 10.20
C MET A 109 -8.54 -2.13 10.79
N GLY A 110 -9.52 -1.32 10.35
CA GLY A 110 -10.88 -1.38 10.85
C GLY A 110 -11.56 -2.72 10.55
N GLU A 111 -11.34 -3.26 9.34
CA GLU A 111 -11.95 -4.51 8.93
C GLU A 111 -11.35 -5.65 9.73
N LEU A 112 -10.03 -5.61 9.96
CA LEU A 112 -9.39 -6.66 10.73
C LEU A 112 -9.96 -6.64 12.17
N LEU A 113 -10.14 -5.47 12.77
CA LEU A 113 -10.58 -5.40 14.15
C LEU A 113 -12.06 -5.80 14.31
N SER A 114 -12.85 -5.54 13.27
CA SER A 114 -14.27 -5.84 13.33
C SER A 114 -14.57 -7.29 13.02
N GLY A 115 -13.60 -8.02 12.41
CA GLY A 115 -13.81 -9.39 11.97
C GLY A 115 -14.24 -9.50 10.50
N GLN A 116 -14.35 -8.37 9.78
CA GLN A 116 -14.61 -8.40 8.33
C GLN A 116 -13.39 -9.02 7.61
N ALA A 117 -12.23 -8.97 8.27
CA ALA A 117 -11.06 -9.67 7.80
C ALA A 117 -10.45 -10.41 8.97
N ASP A 118 -9.73 -11.47 8.64
CA ASP A 118 -8.93 -12.24 9.57
C ASP A 118 -7.43 -11.96 9.42
N MET A 119 -7.03 -11.43 8.26
CA MET A 119 -5.63 -11.19 8.02
C MET A 119 -5.54 -10.11 6.95
N ILE A 120 -4.63 -9.15 7.17
CA ILE A 120 -4.34 -8.10 6.19
C ILE A 120 -3.08 -8.53 5.44
N VAL A 121 -3.18 -8.71 4.13
CA VAL A 121 -2.05 -9.09 3.30
C VAL A 121 -1.90 -8.04 2.22
N ALA A 122 -0.98 -7.09 2.47
CA ALA A 122 -0.93 -5.83 1.76
C ALA A 122 0.40 -5.16 2.07
N PRO A 123 0.76 -4.08 1.34
CA PRO A 123 1.91 -3.24 1.72
C PRO A 123 1.54 -2.34 2.89
N LEU A 124 1.40 -2.98 4.04
CA LEU A 124 0.91 -2.37 5.26
C LEU A 124 2.08 -2.05 6.18
N THR A 125 2.22 -0.76 6.46
CA THR A 125 3.33 -0.26 7.27
C THR A 125 3.15 -0.71 8.71
N ILE A 126 4.23 -1.28 9.25
CA ILE A 126 4.36 -1.61 10.67
C ILE A 126 4.66 -0.32 11.41
N ASN A 127 3.87 0.03 12.42
CA ASN A 127 4.25 1.14 13.30
C ASN A 127 3.60 0.96 14.67
N ASN A 128 4.06 1.75 15.64
CA ASN A 128 3.64 1.52 17.01
CA ASN A 128 3.67 1.68 17.05
C ASN A 128 2.18 1.94 17.23
N GLU A 129 1.67 2.96 16.53
CA GLU A 129 0.27 3.32 16.71
C GLU A 129 -0.65 2.12 16.41
N ARG A 130 -0.42 1.44 15.27
CA ARG A 130 -1.23 0.31 14.87
C ARG A 130 -0.96 -0.93 15.72
N ALA A 131 0.29 -1.11 16.15
CA ALA A 131 0.71 -2.21 17.00
C ALA A 131 0.03 -2.15 18.38
N GLN A 132 -0.49 -1.00 18.80
CA GLN A 132 -1.31 -0.99 20.00
C GLN A 132 -2.60 -1.80 19.85
N TYR A 133 -3.07 -1.98 18.61
CA TYR A 133 -4.39 -2.57 18.37
C TYR A 133 -4.30 -3.93 17.67
N ILE A 134 -3.25 -4.17 16.87
CA ILE A 134 -3.13 -5.42 16.12
C ILE A 134 -1.74 -6.00 16.31
N GLU A 135 -1.56 -7.21 15.79
CA GLU A 135 -0.24 -7.80 15.70
C GLU A 135 0.28 -7.72 14.27
N PHE A 136 1.60 -7.55 14.15
CA PHE A 136 2.27 -7.67 12.86
C PHE A 136 3.20 -8.87 12.84
N SER A 137 3.34 -9.47 11.67
CA SER A 137 4.44 -10.33 11.38
C SER A 137 5.72 -9.51 11.42
N LYS A 138 6.85 -10.19 11.48
CA LYS A 138 8.08 -9.53 11.10
C LYS A 138 7.95 -9.00 9.68
N PRO A 139 8.75 -7.98 9.32
CA PRO A 139 8.59 -7.36 8.02
C PRO A 139 8.82 -8.34 6.90
N PHE A 140 7.98 -8.29 5.86
CA PHE A 140 8.23 -9.07 4.66
C PHE A 140 9.02 -8.23 3.66
N LYS A 141 9.13 -6.91 3.92
CA LYS A 141 9.89 -6.02 3.06
C LYS A 141 10.29 -4.83 3.89
N TYR A 142 11.56 -4.40 3.72
CA TYR A 142 12.11 -3.22 4.37
C TYR A 142 12.12 -2.05 3.40
N GLN A 143 11.56 -0.92 3.86
CA GLN A 143 11.37 0.21 2.96
C GLN A 143 11.36 1.50 3.76
N GLY A 144 10.77 2.54 3.18
CA GLY A 144 10.70 3.83 3.81
C GLY A 144 9.77 4.74 3.03
N LEU A 145 9.73 6.02 3.41
CA LEU A 145 9.09 7.02 2.58
C LEU A 145 10.13 7.66 1.66
N THR A 146 9.65 8.08 0.50
CA THR A 146 10.40 8.92 -0.40
C THR A 146 9.42 9.89 -1.08
N ILE A 147 9.93 10.61 -2.07
CA ILE A 147 9.14 11.64 -2.72
C ILE A 147 9.20 11.39 -4.23
N LEU A 148 8.02 11.44 -4.86
CA LEU A 148 7.87 11.29 -6.30
C LEU A 148 7.65 12.68 -6.89
N VAL A 149 8.42 12.98 -7.93
CA VAL A 149 8.28 14.23 -8.69
C VAL A 149 8.38 13.95 -10.19
N LYS A 150 8.03 14.95 -10.99
CA LYS A 150 8.31 14.92 -12.42
C LYS A 150 9.81 15.06 -12.68
N LYS A 151 10.32 14.32 -13.67
CA LYS A 151 11.71 14.44 -14.04
C LYS A 151 12.04 15.91 -14.21
N GLY A 152 13.18 16.34 -13.68
CA GLY A 152 13.61 17.72 -13.77
C GLY A 152 13.24 18.59 -12.57
N THR A 153 12.42 18.10 -11.64
CA THR A 153 12.08 18.87 -10.47
C THR A 153 13.24 18.88 -9.48
N ARG A 154 13.54 20.10 -9.01
CA ARG A 154 14.68 20.39 -8.16
C ARG A 154 14.25 20.32 -6.69
N ILE A 155 14.29 19.11 -6.12
CA ILE A 155 13.96 18.85 -4.72
C ILE A 155 15.02 17.91 -4.16
N THR A 156 15.49 18.13 -2.93
CA THR A 156 16.59 17.37 -2.34
C THR A 156 16.08 16.21 -1.48
N GLY A 157 14.83 16.27 -1.02
CA GLY A 157 14.43 15.39 0.06
C GLY A 157 13.47 16.09 0.98
N ILE A 158 13.21 15.48 2.13
CA ILE A 158 12.12 15.91 2.98
C ILE A 158 12.46 17.24 3.67
N ASN A 159 13.75 17.55 3.80
CA ASN A 159 14.19 18.78 4.45
C ASN A 159 14.42 19.91 3.45
N ASP A 160 14.03 19.72 2.19
CA ASP A 160 14.13 20.80 1.21
C ASP A 160 13.27 21.99 1.62
N PRO A 161 13.78 23.25 1.66
CA PRO A 161 12.96 24.39 2.04
C PRO A 161 11.65 24.61 1.28
N ARG A 162 11.54 24.11 0.06
CA ARG A 162 10.27 24.22 -0.67
C ARG A 162 9.17 23.43 0.05
N LEU A 163 9.54 22.37 0.78
CA LEU A 163 8.59 21.62 1.61
C LEU A 163 8.44 22.22 3.00
N ARG A 164 9.58 22.51 3.67
CA ARG A 164 9.60 22.96 5.06
C ARG A 164 9.04 24.38 5.21
N ASN A 165 9.25 25.25 4.18
CA ASN A 165 8.71 26.61 4.17
C ASN A 165 7.85 26.80 2.91
N PRO A 166 6.64 26.17 2.87
CA PRO A 166 5.84 26.10 1.66
C PRO A 166 5.11 27.39 1.29
N SER A 167 5.22 27.76 0.00
CA SER A 167 4.32 28.70 -0.66
C SER A 167 3.23 27.90 -1.39
N ASP A 168 2.22 28.59 -1.94
CA ASP A 168 1.23 27.96 -2.80
C ASP A 168 1.85 27.52 -4.13
N LYS A 169 3.01 28.09 -4.47
CA LYS A 169 3.74 27.80 -5.70
C LYS A 169 4.18 26.33 -5.81
N PHE A 170 4.09 25.54 -4.73
CA PHE A 170 4.62 24.17 -4.73
C PHE A 170 3.75 23.29 -3.82
N ILE A 171 2.81 22.54 -4.43
CA ILE A 171 1.85 21.70 -3.70
C ILE A 171 2.43 20.28 -3.55
N TYR A 172 2.40 19.76 -2.33
CA TYR A 172 2.78 18.38 -2.06
C TYR A 172 1.69 17.74 -1.22
N ALA A 173 1.64 16.39 -1.23
CA ALA A 173 0.56 15.68 -0.63
C ALA A 173 0.94 14.23 -0.39
N THR A 174 0.12 13.56 0.43
CA THR A 174 0.16 12.11 0.57
C THR A 174 -1.24 11.53 0.39
N VAL A 175 -1.41 10.28 0.81
CA VAL A 175 -2.69 9.57 0.72
C VAL A 175 -3.45 9.70 2.04
N LYS A 176 -4.75 10.03 1.95
CA LYS A 176 -5.65 10.11 3.10
C LYS A 176 -5.73 8.79 3.85
N GLN A 177 -5.81 8.87 5.21
CA GLN A 177 -6.01 7.71 6.07
C GLN A 177 -5.02 6.57 5.81
N SER A 178 -3.77 7.00 5.63
CA SER A 178 -2.60 6.14 5.69
C SER A 178 -1.81 6.58 6.91
N SER A 179 -0.75 5.86 7.28
CA SER A 179 -0.02 6.26 8.47
C SER A 179 0.85 7.50 8.21
N VAL A 180 0.82 8.09 7.01
CA VAL A 180 1.73 9.18 6.71
C VAL A 180 1.38 10.44 7.52
N ASP A 181 0.12 10.84 7.59
CA ASP A 181 -0.26 12.06 8.30
C ASP A 181 0.16 12.09 9.78
N ILE A 182 -0.20 11.06 10.55
CA ILE A 182 -0.02 11.13 12.00
C ILE A 182 1.47 11.19 12.34
N TYR A 183 2.32 10.49 11.57
CA TYR A 183 3.74 10.50 11.87
C TYR A 183 4.35 11.85 11.50
N PHE A 184 3.75 12.54 10.52
CA PHE A 184 4.10 13.93 10.22
C PHE A 184 3.67 14.83 11.38
N ARG A 185 2.42 14.62 11.86
CA ARG A 185 1.88 15.39 12.97
C ARG A 185 2.77 15.28 14.22
N ARG A 186 3.19 14.04 14.55
CA ARG A 186 3.92 13.74 15.78
C ARG A 186 5.36 14.29 15.75
N GLN A 187 5.88 14.63 14.56
CA GLN A 187 7.18 15.25 14.45
C GLN A 187 7.05 16.77 14.59
N VAL A 188 7.97 17.38 15.34
CA VAL A 188 8.05 18.83 15.50
C VAL A 188 8.57 19.48 14.21
N GLU A 189 9.60 18.87 13.60
CA GLU A 189 10.21 19.41 12.40
C GLU A 189 9.30 19.30 11.17
N LEU A 190 8.17 18.57 11.28
CA LEU A 190 7.31 18.31 10.12
C LEU A 190 5.85 18.69 10.37
N SER A 191 5.54 19.28 11.52
CA SER A 191 4.17 19.68 11.85
C SER A 191 3.57 20.61 10.80
N THR A 192 4.38 21.55 10.28
CA THR A 192 3.92 22.53 9.31
C THR A 192 3.59 21.87 7.95
N MET A 193 4.25 20.76 7.62
CA MET A 193 3.97 20.03 6.38
C MET A 193 2.61 19.32 6.50
N TYR A 194 2.34 18.72 7.65
CA TYR A 194 1.05 18.08 7.92
C TYR A 194 -0.08 19.09 7.71
N ARG A 195 0.12 20.31 8.20
CA ARG A 195 -0.86 21.38 8.05
C ARG A 195 -1.13 21.68 6.57
N HIS A 196 -0.07 21.73 5.76
CA HIS A 196 -0.18 22.00 4.33
C HIS A 196 -0.89 20.83 3.63
N MET A 197 -0.55 19.60 4.01
CA MET A 197 -0.93 18.43 3.24
C MET A 197 -2.37 17.98 3.47
N GLU A 198 -2.82 17.93 4.73
CA GLU A 198 -4.20 17.53 5.04
C GLU A 198 -5.20 18.29 4.15
N LYS A 199 -4.85 19.50 3.69
CA LYS A 199 -5.63 20.29 2.74
C LYS A 199 -5.72 19.66 1.35
N HIS A 200 -4.66 18.94 0.90
CA HIS A 200 -4.51 18.49 -0.48
C HIS A 200 -4.39 16.96 -0.65
N ASN A 201 -4.58 16.14 0.41
CA ASN A 201 -4.31 14.71 0.29
C ASN A 201 -5.29 13.98 -0.65
N TYR A 202 -4.81 12.84 -1.21
CA TYR A 202 -5.48 12.12 -2.26
C TYR A 202 -6.15 10.88 -1.71
N GLU A 203 -7.19 10.41 -2.39
CA GLU A 203 -7.95 9.27 -1.91
C GLU A 203 -7.16 7.97 -2.11
N SER A 204 -6.28 7.96 -3.13
CA SER A 204 -5.50 6.78 -3.45
C SER A 204 -4.13 7.19 -3.99
N ALA A 205 -3.17 6.31 -3.85
CA ALA A 205 -1.84 6.52 -4.39
C ALA A 205 -1.95 6.70 -5.90
N ALA A 206 -2.79 5.90 -6.56
CA ALA A 206 -2.86 5.95 -8.03
C ALA A 206 -3.22 7.36 -8.49
N GLU A 207 -4.19 7.98 -7.79
CA GLU A 207 -4.65 9.30 -8.18
C GLU A 207 -3.55 10.33 -7.93
N ALA A 208 -2.77 10.19 -6.85
CA ALA A 208 -1.69 11.14 -6.58
C ALA A 208 -0.60 11.05 -7.64
N ILE A 209 -0.26 9.81 -8.01
CA ILE A 209 0.78 9.57 -9.00
C ILE A 209 0.38 10.21 -10.33
N GLN A 210 -0.86 9.99 -10.72
CA GLN A 210 -1.40 10.54 -11.96
C GLN A 210 -1.34 12.06 -11.91
N ALA A 211 -1.65 12.64 -10.75
CA ALA A 211 -1.62 14.09 -10.58
C ALA A 211 -0.20 14.62 -10.73
N VAL A 212 0.80 13.85 -10.30
CA VAL A 212 2.17 14.29 -10.54
C VAL A 212 2.46 14.32 -12.04
N ARG A 213 2.14 13.24 -12.75
CA ARG A 213 2.34 13.16 -14.19
C ARG A 213 1.65 14.33 -14.92
N ASP A 214 0.45 14.68 -14.46
CA ASP A 214 -0.35 15.71 -15.10
C ASP A 214 -0.01 17.12 -14.62
N ASN A 215 1.02 17.30 -13.76
CA ASN A 215 1.48 18.60 -13.28
C ASN A 215 0.45 19.27 -12.37
N LYS A 216 -0.41 18.48 -11.73
CA LYS A 216 -1.38 19.05 -10.80
C LYS A 216 -0.88 18.97 -9.36
N LEU A 217 0.10 18.08 -9.13
CA LEU A 217 0.72 17.87 -7.84
C LEU A 217 2.22 17.91 -8.09
N HIS A 218 2.95 18.74 -7.36
CA HIS A 218 4.39 18.86 -7.59
C HIS A 218 5.19 17.76 -6.91
N ALA A 219 4.75 17.30 -5.74
CA ALA A 219 5.48 16.25 -5.05
C ALA A 219 4.51 15.36 -4.27
N PHE A 220 4.75 14.05 -4.37
CA PHE A 220 3.91 13.07 -3.70
C PHE A 220 4.80 12.32 -2.71
N ILE A 221 4.42 12.35 -1.43
CA ILE A 221 5.15 11.66 -0.37
C ILE A 221 4.51 10.31 -0.09
N TRP A 222 5.30 9.25 -0.24
CA TRP A 222 4.68 7.92 -0.20
C TRP A 222 5.74 6.83 -0.10
N ASP A 223 5.28 5.59 0.03
CA ASP A 223 6.13 4.43 0.26
C ASP A 223 7.13 4.27 -0.89
N SER A 224 8.40 4.10 -0.52
CA SER A 224 9.49 3.96 -1.47
C SER A 224 9.33 2.68 -2.28
N ALA A 225 8.82 1.63 -1.62
CA ALA A 225 8.67 0.36 -2.34
C ALA A 225 7.72 0.53 -3.53
N VAL A 226 6.76 1.42 -3.37
CA VAL A 226 5.81 1.75 -4.42
C VAL A 226 6.38 2.82 -5.35
N LEU A 227 6.85 3.96 -4.83
CA LEU A 227 7.26 5.06 -5.69
C LEU A 227 8.47 4.70 -6.56
N GLU A 228 9.43 3.94 -6.02
CA GLU A 228 10.59 3.50 -6.79
C GLU A 228 10.16 2.62 -7.98
N PHE A 229 9.16 1.76 -7.77
CA PHE A 229 8.62 0.97 -8.86
C PHE A 229 7.93 1.89 -9.87
N GLU A 230 7.03 2.76 -9.38
CA GLU A 230 6.33 3.67 -10.28
C GLU A 230 7.30 4.50 -11.13
N ALA A 231 8.33 5.09 -10.49
CA ALA A 231 9.24 5.99 -11.18
C ALA A 231 10.09 5.17 -12.16
N SER A 232 10.34 3.89 -11.83
CA SER A 232 11.14 3.02 -12.70
C SER A 232 10.32 2.50 -13.89
N GLN A 233 8.97 2.55 -13.78
CA GLN A 233 8.08 2.09 -14.82
C GLN A 233 7.71 3.25 -15.75
N LYS A 234 7.80 4.47 -15.21
CA LYS A 234 7.37 5.66 -15.94
C LYS A 234 8.50 6.66 -16.12
N CYS A 235 8.92 6.86 -17.38
CA CYS A 235 10.16 7.56 -17.72
C CYS A 235 10.07 9.06 -17.39
N ASP A 236 8.85 9.57 -17.14
CA ASP A 236 8.63 10.97 -16.84
C ASP A 236 8.65 11.28 -15.35
N LEU A 237 8.64 10.24 -14.51
CA LEU A 237 8.59 10.39 -13.07
C LEU A 237 9.89 9.89 -12.45
N VAL A 238 10.29 10.55 -11.36
CA VAL A 238 11.49 10.18 -10.62
C VAL A 238 11.18 10.25 -9.14
N THR A 239 12.03 9.61 -8.32
CA THR A 239 12.06 9.83 -6.88
C THR A 239 13.27 10.66 -6.54
N THR A 240 13.21 11.33 -5.39
CA THR A 240 14.24 12.27 -5.00
C THR A 240 14.40 12.26 -3.48
N GLY A 241 15.65 12.40 -3.08
CA GLY A 241 16.03 12.53 -1.68
C GLY A 241 16.29 11.18 -1.05
N GLU A 242 16.77 11.24 0.20
CA GLU A 242 17.09 10.05 0.97
C GLU A 242 15.76 9.47 1.47
N LEU A 243 15.67 8.13 1.51
CA LEU A 243 14.61 7.45 2.26
C LEU A 243 14.55 8.07 3.67
N PHE A 244 13.33 8.19 4.22
CA PHE A 244 13.19 8.58 5.61
C PHE A 244 12.02 7.81 6.19
N PHE A 245 11.94 7.82 7.53
CA PHE A 245 10.93 7.05 8.22
C PHE A 245 11.01 5.59 7.76
N ARG A 246 12.23 5.06 7.72
CA ARG A 246 12.42 3.66 7.37
C ARG A 246 11.59 2.77 8.29
N SER A 247 10.98 1.76 7.68
CA SER A 247 10.01 0.92 8.35
C SER A 247 9.71 -0.25 7.43
N GLY A 248 8.99 -1.26 7.95
CA GLY A 248 8.72 -2.45 7.17
C GLY A 248 7.25 -2.53 6.77
N PHE A 249 7.00 -3.45 5.84
CA PHE A 249 5.66 -3.94 5.56
C PHE A 249 5.51 -5.27 6.27
N GLY A 250 4.34 -5.45 6.94
CA GLY A 250 4.02 -6.66 7.67
C GLY A 250 2.61 -7.14 7.36
N ILE A 251 2.43 -8.43 7.61
CA ILE A 251 1.12 -9.06 7.63
C ILE A 251 0.45 -8.67 8.93
N GLY A 252 -0.83 -8.33 8.86
CA GLY A 252 -1.59 -7.84 10.00
C GLY A 252 -2.60 -8.88 10.47
N MET A 253 -2.63 -9.10 11.81
CA MET A 253 -3.53 -10.06 12.44
C MET A 253 -4.04 -9.46 13.75
N ARG A 254 -5.20 -9.94 14.23
CA ARG A 254 -5.74 -9.46 15.49
C ARG A 254 -4.77 -9.78 16.64
N LYS A 255 -4.77 -8.94 17.69
CA LYS A 255 -3.98 -9.20 18.89
C LYS A 255 -4.17 -10.64 19.34
N ASP A 256 -3.08 -11.26 19.80
CA ASP A 256 -3.08 -12.59 20.37
C ASP A 256 -3.62 -13.60 19.37
N SER A 257 -3.40 -13.36 18.07
CA SER A 257 -3.78 -14.33 17.06
C SER A 257 -2.88 -15.56 17.14
N PRO A 258 -3.43 -16.77 16.96
CA PRO A 258 -2.64 -17.99 16.96
C PRO A 258 -1.82 -18.18 15.68
N TRP A 259 -2.06 -17.34 14.66
CA TRP A 259 -1.35 -17.39 13.39
C TRP A 259 0.00 -16.66 13.43
N LYS A 260 0.19 -15.70 14.32
CA LYS A 260 1.31 -14.75 14.22
C LYS A 260 2.65 -15.47 14.12
N GLN A 261 2.91 -16.42 15.02
CA GLN A 261 4.23 -17.04 15.09
C GLN A 261 4.57 -17.71 13.75
N ASN A 262 3.61 -18.48 13.25
CA ASN A 262 3.81 -19.25 12.03
C ASN A 262 3.88 -18.36 10.80
N VAL A 263 3.14 -17.23 10.78
CA VAL A 263 3.29 -16.31 9.68
C VAL A 263 4.72 -15.77 9.68
N SER A 264 5.21 -15.36 10.85
CA SER A 264 6.56 -14.80 10.97
C SER A 264 7.60 -15.84 10.54
N LEU A 265 7.37 -17.09 10.88
CA LEU A 265 8.33 -18.12 10.53
C LEU A 265 8.39 -18.29 9.00
N SER A 266 7.23 -18.24 8.35
CA SER A 266 7.14 -18.31 6.90
C SER A 266 7.92 -17.17 6.25
N ILE A 267 7.72 -15.97 6.77
CA ILE A 267 8.38 -14.80 6.24
C ILE A 267 9.89 -14.92 6.47
N LEU A 268 10.30 -15.40 7.66
CA LEU A 268 11.71 -15.66 7.90
C LEU A 268 12.28 -16.57 6.81
N LYS A 269 11.64 -17.73 6.57
CA LYS A 269 12.14 -18.68 5.60
C LYS A 269 12.32 -17.99 4.24
N SER A 270 11.34 -17.13 3.89
CA SER A 270 11.38 -16.45 2.61
C SER A 270 12.52 -15.45 2.50
N HIS A 271 12.88 -14.75 3.59
CA HIS A 271 14.09 -13.94 3.57
C HIS A 271 15.36 -14.80 3.51
N GLU A 272 15.33 -15.98 4.12
CA GLU A 272 16.51 -16.85 4.19
C GLU A 272 16.86 -17.53 2.87
N ASN A 273 15.87 -17.88 2.06
CA ASN A 273 16.05 -18.81 0.95
C ASN A 273 15.94 -18.18 -0.44
N GLY A 274 15.94 -16.84 -0.52
CA GLY A 274 15.90 -16.14 -1.80
C GLY A 274 14.49 -15.91 -2.35
N PHE A 275 13.44 -16.35 -1.67
CA PHE A 275 12.09 -16.24 -2.21
C PHE A 275 11.69 -14.78 -2.37
N MET A 276 12.00 -13.93 -1.39
CA MET A 276 11.62 -12.53 -1.49
C MET A 276 12.37 -11.88 -2.66
N GLU A 277 13.64 -12.26 -2.83
CA GLU A 277 14.43 -11.75 -3.95
C GLU A 277 13.85 -12.20 -5.28
N ASP A 278 13.43 -13.46 -5.37
CA ASP A 278 12.72 -13.92 -6.56
C ASP A 278 11.48 -13.08 -6.84
N LEU A 279 10.71 -12.76 -5.80
CA LEU A 279 9.52 -11.91 -5.94
C LEU A 279 9.94 -10.52 -6.46
N ASP A 280 11.05 -10.00 -5.94
CA ASP A 280 11.54 -8.71 -6.41
C ASP A 280 11.84 -8.74 -7.90
N LYS A 281 12.47 -9.84 -8.35
CA LYS A 281 12.83 -10.00 -9.74
C LYS A 281 11.61 -10.22 -10.61
N THR A 282 10.47 -10.61 -10.03
CA THR A 282 9.25 -10.82 -10.79
C THR A 282 8.43 -9.52 -10.87
N TRP A 283 8.36 -8.79 -9.75
CA TRP A 283 7.39 -7.70 -9.58
C TRP A 283 8.01 -6.30 -9.47
N VAL A 284 9.30 -6.17 -9.13
CA VAL A 284 9.84 -4.89 -8.72
C VAL A 284 10.94 -4.36 -9.63
N ARG A 285 11.85 -5.24 -10.07
CA ARG A 285 12.91 -4.83 -10.99
C ARG A 285 13.12 -5.89 -12.07
N TYR A 286 12.65 -5.60 -13.28
CA TYR A 286 12.77 -6.58 -14.37
C TYR A 286 12.85 -5.99 -15.78
N GLN A 287 12.55 -4.69 -15.96
CA GLN A 287 12.60 -4.08 -17.28
C GLN A 287 12.69 -2.55 -17.17
N GLU A 288 12.95 -1.93 -18.31
CA GLU A 288 13.10 -0.49 -18.38
C GLU A 288 11.72 0.15 -18.48
N CYS A 289 11.68 1.49 -18.32
CA CYS A 289 10.40 2.20 -18.21
C CYS A 289 9.57 2.11 -19.50
N ASP A 290 8.26 1.94 -19.41
CA ASP A 290 7.51 1.91 -20.67
C ASP A 290 6.08 2.45 -20.55
N SER A 291 5.74 3.14 -19.44
CA SER A 291 4.35 3.38 -19.07
C SER A 291 4.10 4.85 -18.65
C1 A1ILQ B . 0.23 2.38 5.03
C3 A1ILQ B . 1.02 2.64 3.78
C5 A1ILQ B . 1.59 4.05 3.76
C12 A1ILQ B . 6.61 5.22 7.04
C14 A1ILQ B . 6.11 6.57 9.19
C15 A1ILQ B . 6.77 5.67 10.22
C16 A1ILQ B . 7.71 6.23 11.09
C17 A1ILQ B . 8.34 5.42 12.04
O1 A1ILQ B . -0.56 3.27 5.42
O2 A1ILQ B . 0.39 1.30 5.62
N4 A1ILQ B . 2.10 1.64 3.57
N6 A1ILQ B . 2.85 4.20 4.47
C7 A1ILQ B . 2.88 4.79 5.67
O8 A1ILQ B . 1.87 5.17 6.22
C9 A1ILQ B . 4.17 5.07 6.37
C10 A1ILQ B . 4.37 5.77 7.55
C11 A1ILQ B . 5.73 5.84 7.93
S13 A1ILQ B . 5.69 4.52 5.73
C18 A1ILQ B . 8.03 4.07 12.12
C19 A1ILQ B . 7.11 3.52 11.24
C20 A1ILQ B . 6.48 4.32 10.30
H3 A1ILQ B . 0.33 2.56 2.93
H5 A1ILQ B . 0.86 4.75 4.19
H51 A1ILQ B . 1.75 4.35 2.72
H1 A1ILQ B . 7.37 4.49 7.32
H14 A1ILQ B . 5.22 7.02 9.64
H141 A1ILQ B . 6.79 7.39 8.94
H16 A1ILQ B . 7.95 7.28 11.03
H17 A1ILQ B . 9.06 5.86 12.72
HN4 A1ILQ B . 2.82 1.73 4.32
HN41 A1ILQ B . 2.54 1.77 2.65
HN6 A1ILQ B . 3.70 3.88 4.03
H10 A1ILQ B . 3.58 6.21 8.13
H18 A1ILQ B . 8.53 3.44 12.86
H19 A1ILQ B . 6.87 2.47 11.30
H20 A1ILQ B . 5.76 3.89 9.62
HN42 A1ILQ B . 1.69 0.68 3.62
S SO4 C . 9.98 -2.69 -13.12
O1 SO4 C . 9.40 -3.49 -12.12
O2 SO4 C . 9.07 -2.56 -14.25
O3 SO4 C . 10.21 -1.28 -12.60
O4 SO4 C . 11.23 -3.25 -13.57
S SO4 D . 13.89 -4.89 -1.42
O1 SO4 D . 13.49 -6.27 -1.39
O2 SO4 D . 12.73 -3.98 -1.60
O3 SO4 D . 14.59 -4.56 -0.13
O4 SO4 D . 14.77 -4.58 -2.53
#